data_6G8K
#
_entry.id   6G8K
#
_cell.length_a   82.260
_cell.length_b   111.730
_cell.length_c   62.510
_cell.angle_alpha   90.000
_cell.angle_beta   90.000
_cell.angle_gamma   90.000
#
_symmetry.space_group_name_H-M   'C 2 2 21'
#
loop_
_entity.id
_entity.type
_entity.pdbx_description
1 polymer '14-3-3 protein sigma'
2 polymer ACE-ARG-ALA-HIS-SEP-SER-PRO-ALA-BSE-LEU-GLN
3 non-polymer 'CHLORIDE ION'
4 non-polymer 'MAGNESIUM ION'
5 non-polymer 'SODIUM ION'
6 water water
#
loop_
_entity_poly.entity_id
_entity_poly.type
_entity_poly.pdbx_seq_one_letter_code
_entity_poly.pdbx_strand_id
1 'polypeptide(L)'
;GAMGSMERASLIQKAKLAEQAERYEDMAAFMKGAVEKGEELSCEERNLLSVAYKNVVGGQRAAWRVLSSIEQKSNEEGSE
EKGPEVREYREKVETELQGVCDTVLGLLDSHLIKEAGDAESRVFYLKMKGDYYRYLAEVATGDDKKRIIDSARSAYQEAM
DISKKEMPPTNPIRLGLALNFSVFHYEIANSPEEAISLAKTTFDEAMADLHTLSEDSYKDSTLIMQLLRDNLTLWT
;
A
2 'polypeptide(L)' (ACE)RAH(SEP)SPA(BSE)LQ P
#
loop_
_chem_comp.id
_chem_comp.type
_chem_comp.name
_chem_comp.formula
ACE non-polymer 'ACETYL GROUP' 'C2 H4 O'
CL non-polymer 'CHLORIDE ION' 'Cl -1'
MG non-polymer 'MAGNESIUM ION' 'Mg 2'
NA non-polymer 'SODIUM ION' 'Na 1'
#
# COMPACT_ATOMS: atom_id res chain seq x y z
N GLY A 1 14.97 -0.61 -20.87
CA GLY A 1 14.12 0.37 -20.16
C GLY A 1 14.69 1.74 -20.35
N ALA A 2 13.83 2.77 -20.31
CA ALA A 2 14.26 4.13 -20.63
C ALA A 2 15.24 4.65 -19.60
N MET A 3 15.27 4.08 -18.40
CA MET A 3 16.23 4.50 -17.38
C MET A 3 17.51 3.67 -17.37
N GLY A 4 17.66 2.73 -18.31
CA GLY A 4 18.79 1.83 -18.30
C GLY A 4 20.14 2.52 -18.43
N SER A 5 20.17 3.69 -19.06
CA SER A 5 21.42 4.43 -19.26
C SER A 5 21.77 5.37 -18.12
N MET A 6 20.90 5.55 -17.14
CA MET A 6 21.15 6.48 -16.05
C MET A 6 21.72 5.77 -14.84
N GLU A 7 22.70 6.39 -14.20
CA GLU A 7 23.32 5.84 -13.01
C GLU A 7 22.28 5.63 -11.92
N ARG A 8 22.46 4.57 -11.15
CA ARG A 8 21.61 4.31 -10.00
C ARG A 8 21.52 5.53 -9.08
N ALA A 9 22.66 6.14 -8.75
CA ALA A 9 22.64 7.24 -7.80
C ALA A 9 21.91 8.44 -8.39
N SER A 10 22.06 8.65 -9.70
CA SER A 10 21.36 9.75 -10.36
C SER A 10 19.85 9.54 -10.37
N LEU A 11 19.41 8.28 -10.53
CA LEU A 11 17.99 7.97 -10.48
C LEU A 11 17.43 8.28 -9.09
N ILE A 12 18.17 7.91 -8.05
CA ILE A 12 17.74 8.18 -6.68
CA ILE A 12 17.69 8.19 -6.70
C ILE A 12 17.68 9.68 -6.43
N GLN A 13 18.73 10.40 -6.86
CA GLN A 13 18.76 11.84 -6.71
CA GLN A 13 18.75 11.85 -6.70
C GLN A 13 17.56 12.48 -7.40
N LYS A 14 17.26 12.04 -8.63
CA LYS A 14 16.13 12.61 -9.37
C LYS A 14 14.79 12.20 -8.77
N ALA A 15 14.69 11.01 -8.18
CA ALA A 15 13.46 10.64 -7.47
C ALA A 15 13.18 11.61 -6.34
N LYS A 16 14.24 12.03 -5.63
CA LYS A 16 14.06 12.97 -4.53
C LYS A 16 13.66 14.35 -5.04
N LEU A 17 14.23 14.78 -6.17
CA LEU A 17 13.81 16.03 -6.80
C LEU A 17 12.35 15.95 -7.28
N ALA A 18 11.99 14.83 -7.90
CA ALA A 18 10.61 14.67 -8.36
C ALA A 18 9.64 14.73 -7.20
N GLU A 19 9.98 14.13 -6.07
CA GLU A 19 9.13 14.24 -4.89
C GLU A 19 8.93 15.70 -4.49
N GLN A 20 10.03 16.47 -4.44
CA GLN A 20 9.93 17.86 -4.04
C GLN A 20 9.05 18.65 -5.00
N ALA A 21 9.07 18.28 -6.28
CA ALA A 21 8.30 18.93 -7.31
C ALA A 21 6.89 18.36 -7.45
N GLU A 22 6.55 17.35 -6.64
CA GLU A 22 5.26 16.68 -6.71
CA GLU A 22 5.26 16.68 -6.71
C GLU A 22 5.02 16.07 -8.09
N ARG A 23 6.08 15.53 -8.69
CA ARG A 23 6.04 14.86 -9.99
C ARG A 23 6.13 13.35 -9.74
N TYR A 24 5.01 12.79 -9.27
CA TYR A 24 5.06 11.42 -8.77
C TYR A 24 5.18 10.37 -9.87
N GLU A 25 4.67 10.63 -11.06
CA GLU A 25 4.89 9.69 -12.15
CA GLU A 25 4.88 9.69 -12.16
C GLU A 25 6.36 9.62 -12.51
N ASP A 26 7.02 10.77 -12.58
CA ASP A 26 8.46 10.78 -12.82
C ASP A 26 9.17 10.05 -11.68
N MET A 27 8.78 10.35 -10.45
CA MET A 27 9.44 9.74 -9.29
C MET A 27 9.35 8.22 -9.38
N ALA A 28 8.17 7.71 -9.75
CA ALA A 28 7.99 6.26 -9.87
C ALA A 28 8.85 5.68 -10.98
N ALA A 29 8.91 6.38 -12.12
CA ALA A 29 9.76 5.90 -13.21
C ALA A 29 11.23 5.88 -12.80
N PHE A 30 11.68 6.89 -12.05
CA PHE A 30 13.07 6.89 -11.60
C PHE A 30 13.32 5.72 -10.65
N MET A 31 12.41 5.50 -9.70
CA MET A 31 12.58 4.41 -8.75
C MET A 31 12.48 3.05 -9.39
N LYS A 32 11.62 2.88 -10.38
CA LYS A 32 11.60 1.64 -11.14
C LYS A 32 12.95 1.39 -11.81
N GLY A 33 13.51 2.43 -12.40
CA GLY A 33 14.85 2.32 -12.97
C GLY A 33 15.88 1.92 -11.93
N ALA A 34 15.80 2.50 -10.75
CA ALA A 34 16.75 2.16 -9.71
C ALA A 34 16.60 0.71 -9.28
N VAL A 35 15.37 0.23 -9.11
CA VAL A 35 15.17 -1.17 -8.74
C VAL A 35 15.76 -2.08 -9.81
N GLU A 36 15.55 -1.72 -11.07
CA GLU A 36 15.99 -2.56 -12.18
C GLU A 36 17.49 -2.63 -12.33
N LYS A 37 18.24 -1.81 -11.60
CA LYS A 37 19.69 -1.98 -11.53
C LYS A 37 20.09 -3.29 -10.88
N GLY A 38 19.20 -3.89 -10.08
CA GLY A 38 19.43 -5.22 -9.56
C GLY A 38 19.98 -5.27 -8.17
N GLU A 39 20.42 -4.16 -7.61
N GLU A 39 20.40 -4.15 -7.61
CA GLU A 39 20.88 -4.15 -6.23
CA GLU A 39 20.86 -4.12 -6.23
C GLU A 39 19.70 -4.00 -5.28
C GLU A 39 19.68 -4.01 -5.28
N GLU A 40 19.86 -4.51 -4.07
CA GLU A 40 18.88 -4.29 -3.01
C GLU A 40 18.73 -2.80 -2.73
N LEU A 41 17.60 -2.45 -2.12
CA LEU A 41 17.29 -1.06 -1.77
C LEU A 41 17.52 -0.84 -0.29
N SER A 42 18.10 0.29 0.03
CA SER A 42 18.20 0.72 1.42
C SER A 42 16.83 1.12 1.95
N CYS A 43 16.74 1.35 3.25
N CYS A 43 16.76 1.36 3.26
CA CYS A 43 15.50 1.77 3.87
CA CYS A 43 15.53 1.84 3.87
C CYS A 43 14.98 3.05 3.22
C CYS A 43 14.98 3.07 3.15
N GLU A 44 15.83 4.03 3.02
N GLU A 44 15.81 4.12 3.04
CA GLU A 44 15.39 5.28 2.42
CA GLU A 44 15.36 5.34 2.40
C GLU A 44 14.91 5.04 0.99
C GLU A 44 14.91 5.09 0.97
N GLU A 45 15.61 4.20 0.24
CA GLU A 45 15.22 3.93 -1.13
C GLU A 45 13.90 3.18 -1.21
N ARG A 46 13.65 2.22 -0.30
CA ARG A 46 12.36 1.54 -0.24
C ARG A 46 11.26 2.55 -0.01
N ASN A 47 11.49 3.51 0.88
N ASN A 47 11.48 3.49 0.91
CA ASN A 47 10.46 4.49 1.16
CA ASN A 47 10.51 4.53 1.17
C ASN A 47 10.23 5.41 -0.03
C ASN A 47 10.21 5.34 -0.08
N LEU A 48 11.26 5.73 -0.82
CA LEU A 48 11.05 6.51 -2.04
C LEU A 48 10.22 5.73 -3.05
N LEU A 49 10.50 4.43 -3.20
CA LEU A 49 9.72 3.59 -4.11
C LEU A 49 8.25 3.60 -3.71
N SER A 50 8.01 3.43 -2.42
CA SER A 50 6.64 3.36 -1.91
CA SER A 50 6.64 3.36 -1.91
C SER A 50 5.91 4.69 -2.09
N VAL A 51 6.55 5.80 -1.74
CA VAL A 51 5.90 7.11 -1.87
C VAL A 51 5.51 7.36 -3.32
N ALA A 52 6.41 7.02 -4.24
CA ALA A 52 6.16 7.33 -5.64
C ALA A 52 4.93 6.59 -6.13
N TYR A 53 4.90 5.28 -5.96
CA TYR A 53 3.79 4.50 -6.49
C TYR A 53 2.51 4.74 -5.70
N LYS A 54 2.61 4.98 -4.39
N LYS A 54 2.61 4.97 -4.39
CA LYS A 54 1.41 5.25 -3.61
CA LYS A 54 1.39 5.26 -3.63
C LYS A 54 0.71 6.51 -4.12
C LYS A 54 0.71 6.51 -4.16
N ASN A 55 1.49 7.53 -4.49
CA ASN A 55 0.89 8.76 -5.00
C ASN A 55 0.32 8.55 -6.39
N VAL A 56 1.00 7.80 -7.25
CA VAL A 56 0.46 7.55 -8.59
C VAL A 56 -0.84 6.78 -8.47
N VAL A 57 -0.83 5.64 -7.77
CA VAL A 57 -2.03 4.83 -7.72
CA VAL A 57 -2.02 4.82 -7.70
C VAL A 57 -3.11 5.54 -6.93
N GLY A 58 -2.74 6.39 -5.96
CA GLY A 58 -3.74 7.12 -5.22
C GLY A 58 -4.56 8.03 -6.10
N GLY A 59 -3.92 8.72 -7.03
CA GLY A 59 -4.65 9.55 -7.96
C GLY A 59 -5.54 8.73 -8.85
N GLN A 60 -5.05 7.57 -9.30
CA GLN A 60 -5.85 6.71 -10.15
C GLN A 60 -7.06 6.18 -9.39
N ARG A 61 -6.85 5.75 -8.15
CA ARG A 61 -7.95 5.21 -7.35
C ARG A 61 -9.01 6.29 -7.11
N ALA A 62 -8.59 7.51 -6.80
CA ALA A 62 -9.56 8.58 -6.58
C ALA A 62 -10.36 8.85 -7.85
N ALA A 63 -9.70 8.84 -9.01
CA ALA A 63 -10.40 9.06 -10.26
C ALA A 63 -11.34 7.91 -10.55
N TRP A 64 -10.89 6.69 -10.34
CA TRP A 64 -11.73 5.52 -10.55
C TRP A 64 -13.00 5.60 -9.69
N ARG A 65 -12.87 6.03 -8.43
N ARG A 65 -12.86 6.03 -8.43
CA ARG A 65 -14.04 6.10 -7.58
CA ARG A 65 -14.02 6.10 -7.56
C ARG A 65 -15.03 7.14 -8.08
C ARG A 65 -15.02 7.14 -8.07
N VAL A 66 -14.54 8.28 -8.57
CA VAL A 66 -15.42 9.29 -9.13
C VAL A 66 -16.20 8.71 -10.30
N LEU A 67 -15.49 8.06 -11.21
CA LEU A 67 -16.09 7.54 -12.43
C LEU A 67 -17.03 6.39 -12.14
N SER A 68 -16.65 5.51 -11.22
CA SER A 68 -17.52 4.39 -10.84
CA SER A 68 -17.53 4.39 -10.85
C SER A 68 -18.81 4.90 -10.22
N SER A 69 -18.73 5.94 -9.40
N SER A 69 -18.74 5.95 -9.42
CA SER A 69 -19.94 6.52 -8.83
CA SER A 69 -19.96 6.49 -8.83
C SER A 69 -20.88 7.03 -9.92
C SER A 69 -20.89 7.08 -9.89
N ILE A 70 -20.32 7.76 -10.90
CA ILE A 70 -21.15 8.26 -12.00
C ILE A 70 -21.77 7.10 -12.76
N GLU A 71 -20.98 6.05 -13.01
CA GLU A 71 -21.46 4.91 -13.77
C GLU A 71 -22.60 4.23 -13.01
N GLN A 72 -22.45 4.06 -11.70
CA GLN A 72 -23.49 3.43 -10.91
C GLN A 72 -24.77 4.26 -10.95
N LYS A 73 -24.65 5.58 -10.86
CA LYS A 73 -25.84 6.43 -10.94
C LYS A 73 -26.52 6.29 -12.29
N SER A 74 -25.72 6.20 -13.37
CA SER A 74 -26.30 6.04 -14.69
C SER A 74 -27.09 4.74 -14.82
N ASN A 75 -26.86 3.78 -13.93
CA ASN A 75 -27.54 2.49 -13.99
C ASN A 75 -28.74 2.41 -13.07
N GLU A 76 -29.13 3.51 -12.44
CA GLU A 76 -30.32 3.52 -11.60
C GLU A 76 -31.57 3.67 -12.46
N GLU A 77 -32.71 3.32 -11.85
CA GLU A 77 -33.99 3.48 -12.54
C GLU A 77 -34.29 4.97 -12.75
N GLY A 78 -34.71 5.32 -13.96
CA GLY A 78 -35.03 6.69 -14.30
C GLY A 78 -33.88 7.49 -14.86
N SER A 79 -32.67 6.93 -14.89
CA SER A 79 -31.52 7.64 -15.43
C SER A 79 -31.55 7.61 -16.95
N GLU A 80 -31.28 8.75 -17.56
CA GLU A 80 -31.28 8.84 -19.02
C GLU A 80 -30.06 8.11 -19.58
N GLU A 81 -30.27 7.37 -20.67
CA GLU A 81 -29.18 6.67 -21.32
C GLU A 81 -28.23 7.68 -21.97
N LYS A 82 -26.93 7.52 -21.70
CA LYS A 82 -25.93 8.44 -22.21
C LYS A 82 -24.88 7.75 -23.07
N GLY A 83 -25.08 6.47 -23.40
CA GLY A 83 -24.15 5.77 -24.23
C GLY A 83 -23.02 5.12 -23.45
N PRO A 84 -22.02 4.64 -24.19
CA PRO A 84 -20.96 3.82 -23.58
C PRO A 84 -19.84 4.63 -22.94
N GLU A 85 -19.89 5.96 -22.99
CA GLU A 85 -18.70 6.73 -22.68
C GLU A 85 -18.27 6.63 -21.22
N VAL A 86 -19.21 6.64 -20.28
CA VAL A 86 -18.83 6.56 -18.87
C VAL A 86 -18.14 5.24 -18.60
N ARG A 87 -18.73 4.14 -19.06
CA ARG A 87 -18.10 2.84 -18.89
C ARG A 87 -16.73 2.82 -19.56
N GLU A 88 -16.65 3.32 -20.79
CA GLU A 88 -15.36 3.29 -21.47
C GLU A 88 -14.30 4.02 -20.70
N TYR A 89 -14.62 5.21 -20.22
CA TYR A 89 -13.60 6.02 -19.55
C TYR A 89 -13.25 5.44 -18.19
N ARG A 90 -14.24 4.91 -17.46
CA ARG A 90 -13.92 4.17 -16.25
C ARG A 90 -13.01 2.99 -16.54
N GLU A 91 -13.27 2.25 -17.62
CA GLU A 91 -12.41 1.13 -18.01
CA GLU A 91 -12.42 1.14 -18.01
C GLU A 91 -11.01 1.60 -18.35
N LYS A 92 -10.89 2.75 -19.01
CA LYS A 92 -9.56 3.28 -19.35
CA LYS A 92 -9.56 3.28 -19.35
C LYS A 92 -8.75 3.54 -18.08
N VAL A 93 -9.34 4.25 -17.13
CA VAL A 93 -8.65 4.53 -15.88
C VAL A 93 -8.35 3.25 -15.14
N GLU A 94 -9.32 2.32 -15.14
CA GLU A 94 -9.13 1.04 -14.45
C GLU A 94 -7.96 0.28 -15.02
N THR A 95 -7.84 0.25 -16.35
CA THR A 95 -6.78 -0.50 -16.99
C THR A 95 -5.43 0.13 -16.67
N GLU A 96 -5.37 1.47 -16.63
CA GLU A 96 -4.11 2.12 -16.27
CA GLU A 96 -4.13 2.14 -16.28
C GLU A 96 -3.74 1.83 -14.83
N LEU A 97 -4.72 1.86 -13.93
CA LEU A 97 -4.49 1.52 -12.53
CA LEU A 97 -4.48 1.53 -12.53
C LEU A 97 -3.98 0.10 -12.39
N GLN A 98 -4.62 -0.84 -13.08
CA GLN A 98 -4.18 -2.22 -13.03
C GLN A 98 -2.76 -2.34 -13.56
N GLY A 99 -2.42 -1.57 -14.60
CA GLY A 99 -1.07 -1.61 -15.13
C GLY A 99 -0.04 -1.16 -14.12
N VAL A 100 -0.33 -0.10 -13.36
CA VAL A 100 0.58 0.36 -12.32
C VAL A 100 0.72 -0.70 -11.23
N CYS A 101 -0.40 -1.29 -10.81
CA CYS A 101 -0.31 -2.35 -9.79
C CYS A 101 0.50 -3.52 -10.30
N ASP A 102 0.31 -3.92 -11.56
CA ASP A 102 1.09 -5.02 -12.13
C ASP A 102 2.57 -4.67 -12.20
N THR A 103 2.88 -3.41 -12.48
CA THR A 103 4.27 -2.97 -12.52
C THR A 103 4.91 -3.12 -11.15
N VAL A 104 4.23 -2.63 -10.11
CA VAL A 104 4.77 -2.74 -8.76
C VAL A 104 4.95 -4.21 -8.36
N LEU A 105 3.91 -5.01 -8.59
CA LEU A 105 3.99 -6.43 -8.25
C LEU A 105 5.10 -7.10 -9.00
N GLY A 106 5.33 -6.66 -10.23
CA GLY A 106 6.42 -7.22 -11.02
C GLY A 106 7.78 -6.92 -10.44
N LEU A 107 7.99 -5.70 -9.97
CA LEU A 107 9.24 -5.33 -9.31
C LEU A 107 9.43 -6.15 -8.05
N LEU A 108 8.35 -6.34 -7.28
CA LEU A 108 8.44 -7.13 -6.07
C LEU A 108 8.82 -8.57 -6.38
N ASP A 109 8.27 -9.13 -7.46
CA ASP A 109 8.54 -10.52 -7.82
C ASP A 109 9.84 -10.69 -8.57
N SER A 110 10.40 -9.63 -9.10
CA SER A 110 11.62 -9.71 -9.96
C SER A 110 12.51 -8.51 -9.63
N HIS A 111 13.24 -8.54 -8.50
CA HIS A 111 13.44 -9.68 -7.59
C HIS A 111 13.53 -9.18 -6.14
N LEU A 112 12.76 -8.14 -5.81
CA LEU A 112 12.94 -7.51 -4.51
C LEU A 112 12.64 -8.46 -3.36
N ILE A 113 11.52 -9.18 -3.41
CA ILE A 113 11.16 -10.01 -2.27
C ILE A 113 12.16 -11.13 -2.07
N LYS A 114 12.56 -11.80 -3.15
CA LYS A 114 13.40 -12.98 -2.95
C LYS A 114 14.78 -12.64 -2.41
N GLU A 115 15.24 -11.40 -2.59
CA GLU A 115 16.55 -11.03 -2.04
CA GLU A 115 16.54 -10.98 -2.07
C GLU A 115 16.44 -10.35 -0.68
N ALA A 116 15.23 -10.13 -0.17
CA ALA A 116 15.03 -9.41 1.08
C ALA A 116 15.03 -10.41 2.23
N GLY A 117 16.10 -10.39 3.02
CA GLY A 117 16.26 -11.30 4.15
C GLY A 117 16.01 -10.67 5.51
N ASP A 118 16.29 -9.38 5.64
CA ASP A 118 16.06 -8.74 6.93
C ASP A 118 14.58 -8.51 7.11
N ALA A 119 14.13 -8.54 8.37
CA ALA A 119 12.71 -8.37 8.63
C ALA A 119 12.18 -7.05 8.08
N GLU A 120 12.95 -5.98 8.23
N GLU A 120 12.91 -5.97 8.29
CA GLU A 120 12.46 -4.66 7.84
CA GLU A 120 12.42 -4.68 7.84
C GLU A 120 12.25 -4.54 6.34
C GLU A 120 12.14 -4.72 6.34
N SER A 121 13.11 -5.18 5.55
CA SER A 121 12.92 -5.15 4.11
CA SER A 121 12.94 -5.17 4.10
C SER A 121 11.84 -6.13 3.69
N ARG A 122 11.88 -7.35 4.20
CA ARG A 122 10.94 -8.35 3.77
C ARG A 122 9.51 -8.00 4.13
N VAL A 123 9.27 -7.53 5.36
CA VAL A 123 7.94 -7.10 5.75
C VAL A 123 7.48 -5.92 4.90
N PHE A 124 8.38 -4.95 4.67
CA PHE A 124 8.02 -3.80 3.83
CA PHE A 124 8.01 -3.80 3.83
C PHE A 124 7.52 -4.26 2.46
N TYR A 125 8.25 -5.15 1.81
CA TYR A 125 7.88 -5.59 0.47
C TYR A 125 6.62 -6.44 0.47
N LEU A 126 6.47 -7.32 1.45
CA LEU A 126 5.27 -8.13 1.53
C LEU A 126 4.04 -7.27 1.81
N LYS A 127 4.17 -6.26 2.65
N LYS A 127 4.18 -6.25 2.65
CA LYS A 127 3.10 -5.30 2.84
CA LYS A 127 3.09 -5.30 2.83
C LYS A 127 2.75 -4.62 1.52
C LYS A 127 2.74 -4.64 1.50
N MET A 128 3.76 -4.19 0.76
CA MET A 128 3.49 -3.59 -0.55
CA MET A 128 3.49 -3.59 -0.53
C MET A 128 2.75 -4.57 -1.44
N LYS A 129 3.16 -5.83 -1.43
CA LYS A 129 2.47 -6.83 -2.25
C LYS A 129 1.00 -6.94 -1.86
N GLY A 130 0.73 -6.98 -0.57
CA GLY A 130 -0.65 -6.99 -0.12
C GLY A 130 -1.42 -5.75 -0.55
N ASP A 131 -0.79 -4.59 -0.41
CA ASP A 131 -1.45 -3.33 -0.78
C ASP A 131 -1.81 -3.31 -2.26
N TYR A 132 -0.89 -3.67 -3.16
CA TYR A 132 -1.20 -3.56 -4.58
C TYR A 132 -2.17 -4.64 -5.04
N TYR A 133 -2.15 -5.83 -4.44
CA TYR A 133 -3.25 -6.76 -4.68
C TYR A 133 -4.58 -6.22 -4.13
N ARG A 134 -4.54 -5.52 -2.99
CA ARG A 134 -5.75 -4.89 -2.48
C ARG A 134 -6.30 -3.85 -3.46
N TYR A 135 -5.42 -3.04 -4.06
CA TYR A 135 -5.90 -2.06 -5.04
C TYR A 135 -6.47 -2.76 -6.27
N LEU A 136 -5.87 -3.88 -6.69
CA LEU A 136 -6.49 -4.69 -7.75
C LEU A 136 -7.86 -5.20 -7.31
N ALA A 137 -7.99 -5.62 -6.05
CA ALA A 137 -9.25 -6.15 -5.58
C ALA A 137 -10.34 -5.09 -5.53
N GLU A 138 -9.97 -3.83 -5.29
CA GLU A 138 -10.97 -2.77 -5.23
C GLU A 138 -11.72 -2.62 -6.54
N VAL A 139 -11.10 -3.00 -7.66
CA VAL A 139 -11.71 -2.84 -8.99
C VAL A 139 -12.10 -4.17 -9.62
N ALA A 140 -11.80 -5.28 -8.97
CA ALA A 140 -12.04 -6.59 -9.57
C ALA A 140 -13.50 -6.95 -9.48
N THR A 141 -14.01 -7.55 -10.56
CA THR A 141 -15.40 -8.00 -10.61
C THR A 141 -15.59 -9.34 -11.29
N GLY A 142 -14.53 -10.01 -11.74
CA GLY A 142 -14.68 -11.19 -12.57
C GLY A 142 -14.24 -12.49 -11.90
N ASP A 143 -13.92 -13.48 -12.74
CA ASP A 143 -13.61 -14.83 -12.27
C ASP A 143 -12.44 -14.86 -11.31
N ASP A 144 -11.56 -13.87 -11.38
CA ASP A 144 -10.34 -13.86 -10.59
C ASP A 144 -10.43 -13.02 -9.33
N LYS A 145 -11.57 -12.42 -9.01
CA LYS A 145 -11.66 -11.58 -7.82
CA LYS A 145 -11.67 -11.60 -7.82
C LYS A 145 -11.24 -12.36 -6.58
N LYS A 146 -11.72 -13.60 -6.44
CA LYS A 146 -11.39 -14.37 -5.24
C LYS A 146 -9.89 -14.63 -5.16
N ARG A 147 -9.25 -14.94 -6.29
CA ARG A 147 -7.82 -15.22 -6.27
C ARG A 147 -7.04 -13.95 -5.98
N ILE A 148 -7.50 -12.79 -6.48
CA ILE A 148 -6.81 -11.54 -6.17
C ILE A 148 -6.91 -11.23 -4.67
N ILE A 149 -8.09 -11.40 -4.11
CA ILE A 149 -8.27 -11.20 -2.67
C ILE A 149 -7.38 -12.15 -1.88
N ASP A 150 -7.31 -13.42 -2.30
CA ASP A 150 -6.48 -14.42 -1.64
CA ASP A 150 -6.49 -14.35 -1.55
C ASP A 150 -5.01 -14.02 -1.68
N SER A 151 -4.57 -13.48 -2.83
CA SER A 151 -3.19 -13.06 -2.97
C SER A 151 -2.87 -11.92 -2.02
N ALA A 152 -3.77 -10.94 -1.90
CA ALA A 152 -3.54 -9.87 -0.93
C ALA A 152 -3.46 -10.43 0.48
N ARG A 153 -4.43 -11.29 0.83
CA ARG A 153 -4.48 -11.88 2.16
CA ARG A 153 -4.47 -11.88 2.16
C ARG A 153 -3.19 -12.63 2.47
N SER A 154 -2.73 -13.44 1.53
CA SER A 154 -1.55 -14.26 1.76
C SER A 154 -0.31 -13.41 2.00
N ALA A 155 -0.14 -12.35 1.19
CA ALA A 155 1.00 -11.46 1.36
C ALA A 155 0.96 -10.76 2.69
N TYR A 156 -0.18 -10.21 3.05
CA TYR A 156 -0.31 -9.56 4.35
C TYR A 156 -0.06 -10.54 5.47
N GLN A 157 -0.55 -11.78 5.36
CA GLN A 157 -0.39 -12.75 6.43
C GLN A 157 1.08 -13.12 6.63
N GLU A 158 1.82 -13.34 5.52
CA GLU A 158 3.23 -13.63 5.66
CA GLU A 158 3.24 -13.62 5.64
C GLU A 158 3.96 -12.45 6.31
N ALA A 159 3.62 -11.23 5.93
CA ALA A 159 4.24 -10.05 6.52
C ALA A 159 3.91 -9.97 8.01
N MET A 160 2.65 -10.25 8.37
CA MET A 160 2.25 -10.23 9.77
CA MET A 160 2.24 -10.24 9.76
C MET A 160 3.04 -11.25 10.58
N ASP A 161 3.20 -12.46 10.04
CA ASP A 161 3.87 -13.51 10.79
C ASP A 161 5.31 -13.12 11.06
N ILE A 162 6.01 -12.58 10.05
CA ILE A 162 7.39 -12.15 10.26
C ILE A 162 7.43 -10.98 11.23
N SER A 163 6.53 -10.00 11.06
CA SER A 163 6.59 -8.81 11.89
CA SER A 163 6.57 -8.80 11.88
C SER A 163 6.36 -9.13 13.35
N LYS A 164 5.48 -10.09 13.64
N LYS A 164 5.45 -10.05 13.64
CA LYS A 164 5.21 -10.42 15.03
CA LYS A 164 5.23 -10.42 15.03
C LYS A 164 6.36 -11.20 15.66
C LYS A 164 6.47 -11.06 15.63
N LYS A 165 7.13 -11.93 14.86
CA LYS A 165 8.30 -12.64 15.37
CA LYS A 165 8.29 -12.64 15.38
C LYS A 165 9.51 -11.74 15.52
N GLU A 166 9.69 -10.78 14.60
CA GLU A 166 10.96 -10.09 14.47
C GLU A 166 10.96 -8.61 14.83
N MET A 167 9.81 -7.98 15.03
CA MET A 167 9.75 -6.54 15.23
CA MET A 167 9.80 -6.55 15.26
C MET A 167 8.99 -6.23 16.51
N PRO A 168 9.32 -5.15 17.20
CA PRO A 168 8.53 -4.75 18.37
C PRO A 168 7.16 -4.26 17.94
N PRO A 169 6.19 -4.27 18.85
CA PRO A 169 4.82 -3.88 18.48
C PRO A 169 4.68 -2.42 18.09
N THR A 170 5.64 -1.57 18.42
CA THR A 170 5.62 -0.17 18.02
C THR A 170 6.34 0.10 16.72
N ASN A 171 6.97 -0.88 16.11
CA ASN A 171 7.72 -0.60 14.90
C ASN A 171 6.79 0.00 13.84
N PRO A 172 7.14 1.13 13.23
CA PRO A 172 6.19 1.76 12.29
C PRO A 172 5.82 0.91 11.09
N ILE A 173 6.71 0.05 10.61
CA ILE A 173 6.36 -0.84 9.50
C ILE A 173 5.31 -1.84 9.96
N ARG A 174 5.55 -2.46 11.12
CA ARG A 174 4.57 -3.38 11.69
C ARG A 174 3.22 -2.70 11.89
N LEU A 175 3.22 -1.48 12.43
CA LEU A 175 1.97 -0.77 12.66
C LEU A 175 1.24 -0.46 11.35
N GLY A 176 1.96 0.04 10.34
CA GLY A 176 1.31 0.36 9.08
C GLY A 176 0.80 -0.88 8.37
N LEU A 177 1.52 -1.98 8.50
CA LEU A 177 1.06 -3.26 7.98
C LEU A 177 -0.26 -3.67 8.62
N ALA A 178 -0.31 -3.62 9.94
CA ALA A 178 -1.53 -4.02 10.64
C ALA A 178 -2.68 -3.10 10.28
N LEU A 179 -2.41 -1.79 10.22
CA LEU A 179 -3.41 -0.84 9.77
C LEU A 179 -3.99 -1.24 8.42
N ASN A 180 -3.12 -1.52 7.45
CA ASN A 180 -3.59 -1.83 6.10
C ASN A 180 -4.28 -3.18 6.04
N PHE A 181 -3.79 -4.18 6.77
CA PHE A 181 -4.46 -5.48 6.79
C PHE A 181 -5.84 -5.33 7.39
N SER A 182 -5.97 -4.49 8.43
CA SER A 182 -7.29 -4.23 9.01
CA SER A 182 -7.27 -4.22 9.01
C SER A 182 -8.21 -3.59 7.97
N VAL A 183 -7.70 -2.64 7.18
CA VAL A 183 -8.51 -2.04 6.11
C VAL A 183 -8.91 -3.11 5.09
N PHE A 184 -7.98 -3.98 4.73
CA PHE A 184 -8.29 -5.13 3.87
C PHE A 184 -9.47 -5.92 4.43
N HIS A 185 -9.41 -6.28 5.71
CA HIS A 185 -10.50 -7.05 6.28
C HIS A 185 -11.81 -6.31 6.17
N TYR A 186 -11.81 -5.02 6.45
CA TYR A 186 -13.07 -4.27 6.52
C TYR A 186 -13.64 -4.02 5.12
N GLU A 187 -12.80 -3.59 4.19
CA GLU A 187 -13.26 -3.07 2.91
C GLU A 187 -13.26 -4.10 1.80
N ILE A 188 -12.41 -5.12 1.90
CA ILE A 188 -12.23 -6.10 0.83
C ILE A 188 -12.81 -7.45 1.20
N ALA A 189 -12.49 -7.95 2.40
CA ALA A 189 -12.82 -9.31 2.79
C ALA A 189 -14.14 -9.44 3.50
N ASN A 190 -14.92 -8.37 3.62
CA ASN A 190 -16.22 -8.45 4.28
C ASN A 190 -16.11 -9.02 5.69
N SER A 191 -15.07 -8.59 6.41
CA SER A 191 -14.76 -9.10 7.74
C SER A 191 -14.56 -7.95 8.72
N PRO A 192 -15.60 -7.14 8.94
CA PRO A 192 -15.44 -5.98 9.84
C PRO A 192 -15.04 -6.35 11.25
N GLU A 193 -15.51 -7.48 11.78
CA GLU A 193 -15.10 -7.87 13.13
C GLU A 193 -13.60 -8.16 13.19
N GLU A 194 -13.07 -8.84 12.18
CA GLU A 194 -11.63 -9.10 12.13
C GLU A 194 -10.86 -7.78 12.04
N ALA A 195 -11.36 -6.85 11.23
CA ALA A 195 -10.72 -5.55 11.10
C ALA A 195 -10.65 -4.84 12.44
N ILE A 196 -11.77 -4.81 13.15
CA ILE A 196 -11.84 -4.14 14.44
C ILE A 196 -10.92 -4.82 15.44
N SER A 197 -10.97 -6.15 15.53
CA SER A 197 -10.12 -6.86 16.48
CA SER A 197 -10.12 -6.86 16.48
C SER A 197 -8.65 -6.60 16.21
N LEU A 198 -8.24 -6.66 14.94
CA LEU A 198 -6.84 -6.43 14.61
C LEU A 198 -6.42 -5.01 14.98
N ALA A 199 -7.25 -4.02 14.67
CA ALA A 199 -6.88 -2.65 14.98
C ALA A 199 -6.75 -2.45 16.48
N LYS A 200 -7.67 -3.02 17.25
CA LYS A 200 -7.66 -2.87 18.72
CA LYS A 200 -7.64 -2.83 18.70
C LYS A 200 -6.44 -3.53 19.32
N THR A 201 -6.17 -4.78 18.95
CA THR A 201 -5.04 -5.49 19.51
CA THR A 201 -5.05 -5.47 19.54
C THR A 201 -3.75 -4.81 19.13
N THR A 202 -3.65 -4.37 17.87
CA THR A 202 -2.43 -3.67 17.43
C THR A 202 -2.22 -2.41 18.26
N PHE A 203 -3.27 -1.62 18.42
CA PHE A 203 -3.17 -0.38 19.18
C PHE A 203 -2.73 -0.65 20.62
N ASP A 204 -3.38 -1.62 21.27
CA ASP A 204 -3.11 -1.89 22.67
C ASP A 204 -1.70 -2.44 22.89
N GLU A 205 -1.23 -3.31 22.01
CA GLU A 205 0.11 -3.84 22.17
C GLU A 205 1.17 -2.78 21.91
N ALA A 206 0.89 -1.83 21.00
CA ALA A 206 1.81 -0.73 20.78
C ALA A 206 1.81 0.19 21.99
N MET A 207 0.62 0.52 22.53
CA MET A 207 0.56 1.38 23.72
CA MET A 207 0.54 1.36 23.73
C MET A 207 1.48 0.87 24.81
N ALA A 208 1.45 -0.44 25.06
CA ALA A 208 2.21 -1.07 26.13
C ALA A 208 3.72 -1.04 25.91
N ASP A 209 4.18 -0.78 24.68
CA ASP A 209 5.61 -0.76 24.35
C ASP A 209 6.14 0.66 24.17
N LEU A 210 5.29 1.67 24.21
CA LEU A 210 5.77 3.03 23.99
C LEU A 210 6.83 3.43 25.01
N HIS A 211 6.79 2.89 26.22
CA HIS A 211 7.69 3.31 27.28
C HIS A 211 9.14 2.99 26.94
N THR A 212 9.40 2.12 25.96
CA THR A 212 10.75 1.73 25.60
C THR A 212 11.39 2.69 24.61
N LEU A 213 10.64 3.66 24.11
CA LEU A 213 11.03 4.43 22.94
C LEU A 213 11.62 5.79 23.30
N SER A 214 12.49 6.29 22.42
CA SER A 214 12.92 7.67 22.43
C SER A 214 11.76 8.59 22.04
N GLU A 215 11.94 9.88 22.25
CA GLU A 215 10.92 10.86 21.88
C GLU A 215 10.60 10.79 20.40
N ASP A 216 11.62 10.68 19.56
CA ASP A 216 11.38 10.66 18.12
C ASP A 216 10.66 9.39 17.69
N SER A 217 11.07 8.24 18.23
CA SER A 217 10.39 6.99 17.91
C SER A 217 8.95 6.99 18.41
N TYR A 218 8.74 7.54 19.60
CA TYR A 218 7.40 7.70 20.15
CA TYR A 218 7.40 7.70 20.15
C TYR A 218 6.51 8.49 19.20
N LYS A 219 7.02 9.60 18.66
CA LYS A 219 6.25 10.38 17.70
CA LYS A 219 6.25 10.38 17.69
C LYS A 219 5.90 9.55 16.47
N ASP A 220 6.86 8.78 15.94
CA ASP A 220 6.60 7.99 14.75
C ASP A 220 5.51 6.96 15.01
N SER A 221 5.60 6.27 16.14
CA SER A 221 4.65 5.21 16.43
C SER A 221 3.28 5.75 16.74
N THR A 222 3.20 6.83 17.54
CA THR A 222 1.89 7.35 17.91
C THR A 222 1.15 7.93 16.72
N LEU A 223 1.87 8.42 15.71
CA LEU A 223 1.18 8.93 14.54
C LEU A 223 0.38 7.82 13.87
N ILE A 224 0.96 6.63 13.76
CA ILE A 224 0.25 5.54 13.11
C ILE A 224 -0.82 4.96 14.04
N MET A 225 -0.54 4.92 15.33
CA MET A 225 -1.55 4.48 16.28
C MET A 225 -2.80 5.35 16.17
N GLN A 226 -2.63 6.65 15.94
CA GLN A 226 -3.79 7.51 15.81
C GLN A 226 -4.65 7.11 14.62
N LEU A 227 -4.05 6.65 13.52
CA LEU A 227 -4.82 6.17 12.38
C LEU A 227 -5.64 4.94 12.74
N LEU A 228 -5.04 4.01 13.52
CA LEU A 228 -5.80 2.86 14.02
C LEU A 228 -6.99 3.33 14.83
N ARG A 229 -6.77 4.31 15.71
N ARG A 229 -6.79 4.31 15.71
CA ARG A 229 -7.86 4.85 16.53
CA ARG A 229 -7.90 4.81 16.52
C ARG A 229 -8.93 5.51 15.67
C ARG A 229 -8.94 5.50 15.65
N ASP A 230 -8.51 6.28 14.66
CA ASP A 230 -9.48 6.94 13.77
C ASP A 230 -10.35 5.91 13.09
N ASN A 231 -9.75 4.82 12.63
CA ASN A 231 -10.55 3.78 11.99
C ASN A 231 -11.50 3.12 12.97
N LEU A 232 -11.01 2.82 14.17
CA LEU A 232 -11.89 2.24 15.18
C LEU A 232 -13.08 3.17 15.46
N THR A 233 -12.85 4.49 15.48
CA THR A 233 -13.94 5.42 15.71
C THR A 233 -14.94 5.41 14.56
N LEU A 234 -14.44 5.27 13.33
CA LEU A 234 -15.33 5.17 12.18
CA LEU A 234 -15.33 5.17 12.18
C LEU A 234 -16.16 3.90 12.22
N TRP A 235 -15.56 2.80 12.67
CA TRP A 235 -16.14 1.48 12.55
C TRP A 235 -16.98 1.04 13.73
N THR A 236 -16.92 1.77 14.84
CA THR A 236 -17.65 1.38 16.03
C THR A 236 -18.48 2.54 16.54
N ALA B 3 -11.94 4.52 5.21
CA ALA B 3 -10.95 4.21 6.25
C ALA B 3 -9.56 4.71 5.86
N HIS B 4 -8.74 4.97 6.88
N HIS B 4 -8.75 5.00 6.88
CA HIS B 4 -7.39 5.44 6.67
CA HIS B 4 -7.40 5.47 6.65
C HIS B 4 -6.44 4.29 6.50
C HIS B 4 -6.44 4.29 6.51
N SEP B 5 -5.65 4.30 5.44
CA SEP B 5 -4.56 3.34 5.31
CB SEP B 5 -4.60 2.62 3.97
OG SEP B 5 -4.54 3.59 2.93
C SEP B 5 -3.28 4.11 5.55
O SEP B 5 -3.31 5.32 5.79
P SEP B 5 -4.64 3.03 1.43
O1P SEP B 5 -6.05 2.39 1.23
O2P SEP B 5 -4.47 4.30 0.57
O3P SEP B 5 -3.51 1.99 1.22
HA SEP B 5 -4.63 2.61 5.95
HB2 SEP B 5 -5.42 2.12 3.89
HB3 SEP B 5 -3.83 2.03 3.90
N SER B 6 -2.15 3.47 5.38
N SER B 6 -2.18 3.37 5.54
CA SER B 6 -0.93 4.24 5.47
CA SER B 6 -0.91 3.83 6.10
C SER B 6 -0.92 5.35 4.42
C SER B 6 -0.25 4.86 5.24
N PRO B 7 -0.63 6.60 4.83
N PRO B 7 0.40 5.85 5.86
CA PRO B 7 -0.56 7.70 3.85
CA PRO B 7 1.07 6.87 5.05
C PRO B 7 0.47 7.44 2.76
C PRO B 7 2.53 6.52 4.90
CL CL C . -11.94 6.40 -23.00
CL CL D . -10.90 -11.74 6.69
MG MG E . 14.08 -7.26 15.56
NA NA F . -22.91 9.52 -25.19
#